data_7BAB
#
_entry.id   7BAB
#
_cell.length_a   81.720
_cell.length_b   112.164
_cell.length_c   62.513
_cell.angle_alpha   90.000
_cell.angle_beta   90.000
_cell.angle_gamma   90.000
#
_symmetry.space_group_name_H-M   'C 2 2 21'
#
loop_
_entity.id
_entity.type
_entity.pdbx_description
1 polymer '14-3-3 protein sigma'
2 polymer 'Estrogen receptor'
3 non-polymer 'MAGNESIUM ION'
4 non-polymer 2-[2-chloranyl-4-[oxidanyl(oxidanylidene)-$l^{4}-azanyl]phenoxy]-2-methyl-~{N}-(2-sulfanylethyl)propanamide
5 water water
#
loop_
_entity_poly.entity_id
_entity_poly.type
_entity_poly.pdbx_seq_one_letter_code
_entity_poly.pdbx_strand_id
1 'polypeptide(L)'
;GAMGSMERASLIQKAKLAEQAERYEDMAAFMKGAVEKGEELSNEERCLLSVAYKNVVGGQRAAWRVLSSIEQKSNEEGSE
EKGPEVREYREKVETELQGVCDTVLGLLDSHLIKEAGDAESRVFYLKMKGDYYRYLAEVATGDDKKRIIDSARSAYQEAM
DISKKEMPPTNPIRLGLALNFSVFHYEIANSPEEAISLAKTTFDEAMADLHTLSEDSYKDSTLIMQLLRDNLTLWT
;
A
2 'polypeptide(L)' AEGFPA(TPO)V B
#
# COMPACT_ATOMS: atom_id res chain seq x y z
N GLY A 1 -6.80 1.31 23.88
CA GLY A 1 -6.91 0.23 22.91
C GLY A 1 -7.49 -1.04 23.49
N ALA A 2 -8.42 -1.65 22.75
CA ALA A 2 -9.04 -2.90 23.20
C ALA A 2 -8.04 -4.05 23.27
N MET A 3 -6.87 -3.90 22.64
CA MET A 3 -5.82 -4.90 22.72
C MET A 3 -4.80 -4.60 23.78
N GLY A 4 -5.00 -3.53 24.56
CA GLY A 4 -4.02 -3.13 25.55
C GLY A 4 -3.72 -4.18 26.61
N SER A 5 -4.69 -5.07 26.90
CA SER A 5 -4.49 -6.08 27.93
C SER A 5 -3.88 -7.38 27.41
N MET A 6 -3.70 -7.53 26.10
CA MET A 6 -3.16 -8.77 25.54
C MET A 6 -1.66 -8.66 25.32
N GLU A 7 -0.94 -9.72 25.66
CA GLU A 7 0.51 -9.79 25.43
C GLU A 7 0.86 -9.54 23.97
N ARG A 8 1.97 -8.84 23.76
CA ARG A 8 2.48 -8.63 22.41
C ARG A 8 2.62 -9.94 21.65
N ALA A 9 3.22 -10.97 22.27
CA ALA A 9 3.44 -12.23 21.57
C ALA A 9 2.12 -12.90 21.23
N SER A 10 1.12 -12.77 22.10
CA SER A 10 -0.19 -13.35 21.84
C SER A 10 -0.88 -12.62 20.68
N LEU A 11 -0.71 -11.31 20.60
CA LEU A 11 -1.26 -10.55 19.48
C LEU A 11 -0.65 -11.01 18.16
N ILE A 12 0.66 -11.20 18.13
CA ILE A 12 1.32 -11.68 16.92
C ILE A 12 0.84 -13.09 16.57
N GLN A 13 0.76 -13.98 17.57
CA GLN A 13 0.25 -15.33 17.33
C GLN A 13 -1.16 -15.29 16.76
N LYS A 14 -2.01 -14.43 17.32
CA LYS A 14 -3.39 -14.38 16.83
C LYS A 14 -3.48 -13.74 15.46
N ALA A 15 -2.59 -12.78 15.16
CA ALA A 15 -2.56 -12.23 13.80
C ALA A 15 -2.28 -13.33 12.77
N LYS A 16 -1.37 -14.25 13.09
CA LYS A 16 -1.06 -15.34 12.19
C LYS A 16 -2.23 -16.30 12.06
N LEU A 17 -2.93 -16.57 13.17
CA LEU A 17 -4.13 -17.38 13.11
C LEU A 17 -5.21 -16.71 12.26
N ALA A 18 -5.40 -15.40 12.45
CA ALA A 18 -6.39 -14.67 11.67
C ALA A 18 -6.06 -14.72 10.18
N GLU A 19 -4.78 -14.61 9.82
CA GLU A 19 -4.40 -14.75 8.42
C GLU A 19 -4.81 -16.12 7.87
N GLN A 20 -4.51 -17.19 8.61
CA GLN A 20 -4.87 -18.53 8.16
C GLN A 20 -6.38 -18.66 7.97
N ALA A 21 -7.16 -18.00 8.83
CA ALA A 21 -8.61 -18.02 8.75
C ALA A 21 -9.18 -16.99 7.79
N GLU A 22 -8.33 -16.22 7.10
CA GLU A 22 -8.76 -15.15 6.20
C GLU A 22 -9.66 -14.13 6.89
N ARG A 23 -9.31 -13.81 8.13
CA ARG A 23 -10.04 -12.83 8.95
C ARG A 23 -9.15 -11.60 9.04
N TYR A 24 -9.13 -10.82 7.96
CA TYR A 24 -8.14 -9.76 7.83
C TYR A 24 -8.43 -8.56 8.72
N GLU A 25 -9.70 -8.27 8.99
N GLU A 25 -9.70 -8.28 9.00
CA GLU A 25 -10.01 -7.22 9.95
CA GLU A 25 -10.02 -7.21 9.96
C GLU A 25 -9.46 -7.55 11.33
C GLU A 25 -9.46 -7.55 11.33
N ASP A 26 -9.68 -8.79 11.78
CA ASP A 26 -9.10 -9.23 13.05
C ASP A 26 -7.57 -9.13 12.99
N MET A 27 -6.99 -9.62 11.89
CA MET A 27 -5.54 -9.59 11.75
C MET A 27 -5.02 -8.18 11.91
N ALA A 28 -5.68 -7.21 11.26
CA ALA A 28 -5.25 -5.82 11.37
C ALA A 28 -5.39 -5.30 12.79
N ALA A 29 -6.50 -5.62 13.46
CA ALA A 29 -6.68 -5.17 14.83
C ALA A 29 -5.61 -5.74 15.75
N PHE A 30 -5.27 -7.02 15.58
CA PHE A 30 -4.21 -7.62 16.38
C PHE A 30 -2.86 -6.93 16.14
N MET A 31 -2.54 -6.68 14.86
CA MET A 31 -1.28 -6.02 14.53
C MET A 31 -1.24 -4.58 15.01
N LYS A 32 -2.36 -3.86 14.94
CA LYS A 32 -2.42 -2.52 15.53
C LYS A 32 -2.12 -2.58 17.03
N GLY A 33 -2.73 -3.56 17.72
CA GLY A 33 -2.41 -3.75 19.13
C GLY A 33 -0.93 -4.01 19.34
N ALA A 34 -0.32 -4.83 18.49
CA ALA A 34 1.09 -5.14 18.64
C ALA A 34 1.96 -3.90 18.43
N VAL A 35 1.66 -3.12 17.38
CA VAL A 35 2.40 -1.87 17.17
C VAL A 35 2.30 -0.97 18.39
N GLU A 36 1.10 -0.87 18.96
CA GLU A 36 0.88 0.04 20.08
C GLU A 36 1.57 -0.38 21.37
N LYS A 37 2.17 -1.59 21.42
CA LYS A 37 3.04 -1.92 22.54
C LYS A 37 4.28 -1.05 22.58
N GLY A 38 4.62 -0.41 21.46
CA GLY A 38 5.70 0.57 21.45
C GLY A 38 7.05 0.03 21.05
N GLU A 39 7.23 -1.28 20.95
CA GLU A 39 8.48 -1.86 20.50
C GLU A 39 8.57 -1.84 18.97
N GLU A 40 9.79 -1.79 18.45
CA GLU A 40 9.97 -1.90 17.01
C GLU A 40 9.49 -3.27 16.51
N LEU A 41 9.19 -3.35 15.22
CA LEU A 41 8.72 -4.58 14.59
C LEU A 41 9.86 -5.29 13.87
N SER A 42 9.86 -6.60 13.94
CA SER A 42 10.76 -7.41 13.13
C SER A 42 10.29 -7.45 11.68
N ASN A 43 11.10 -8.06 10.81
N ASN A 43 11.12 -8.04 10.81
CA ASN A 43 10.71 -8.15 9.40
CA ASN A 43 10.73 -8.18 9.40
C ASN A 43 9.41 -8.92 9.22
C ASN A 43 9.40 -8.90 9.27
N GLU A 44 9.28 -10.06 9.92
CA GLU A 44 8.06 -10.84 9.82
C GLU A 44 6.86 -10.06 10.35
N GLU A 45 7.05 -9.32 11.44
CA GLU A 45 5.95 -8.55 12.01
C GLU A 45 5.54 -7.40 11.08
N ARG A 46 6.51 -6.75 10.42
CA ARG A 46 6.16 -5.72 9.44
C ARG A 46 5.34 -6.32 8.31
N CYS A 47 5.72 -7.52 7.87
CA CYS A 47 4.95 -8.22 6.85
C CYS A 47 3.51 -8.47 7.31
N LEU A 48 3.35 -8.95 8.54
CA LEU A 48 2.00 -9.21 9.03
C LEU A 48 1.16 -7.93 9.07
N LEU A 49 1.76 -6.83 9.51
CA LEU A 49 1.05 -5.56 9.55
C LEU A 49 0.61 -5.16 8.16
N SER A 50 1.52 -5.22 7.19
CA SER A 50 1.20 -4.79 5.85
C SER A 50 0.17 -5.70 5.18
N VAL A 51 0.31 -7.01 5.35
CA VAL A 51 -0.66 -7.94 4.75
C VAL A 51 -2.05 -7.67 5.30
N ALA A 52 -2.17 -7.47 6.60
CA ALA A 52 -3.48 -7.28 7.22
C ALA A 52 -4.17 -6.05 6.63
N TYR A 53 -3.51 -4.91 6.70
CA TYR A 53 -4.15 -3.69 6.22
C TYR A 53 -4.31 -3.66 4.71
N LYS A 54 -3.39 -4.27 3.95
CA LYS A 54 -3.54 -4.32 2.50
C LYS A 54 -4.81 -5.05 2.12
N ASN A 55 -5.12 -6.15 2.80
CA ASN A 55 -6.34 -6.90 2.53
C ASN A 55 -7.58 -6.13 2.96
N VAL A 56 -7.54 -5.48 4.12
CA VAL A 56 -8.70 -4.71 4.56
C VAL A 56 -8.99 -3.59 3.57
N VAL A 57 -7.99 -2.75 3.30
CA VAL A 57 -8.21 -1.62 2.42
C VAL A 57 -8.47 -2.07 0.99
N GLY A 58 -7.86 -3.19 0.57
CA GLY A 58 -8.12 -3.69 -0.76
C GLY A 58 -9.59 -4.02 -0.97
N GLY A 59 -10.23 -4.63 0.03
CA GLY A 59 -11.64 -4.92 -0.06
C GLY A 59 -12.48 -3.65 -0.09
N GLN A 60 -12.10 -2.66 0.71
CA GLN A 60 -12.81 -1.38 0.70
C GLN A 60 -12.69 -0.69 -0.65
N ARG A 61 -11.48 -0.69 -1.21
CA ARG A 61 -11.26 -0.07 -2.52
C ARG A 61 -12.08 -0.75 -3.60
N ALA A 62 -12.14 -2.09 -3.57
CA ALA A 62 -12.95 -2.78 -4.57
C ALA A 62 -14.41 -2.40 -4.44
N ALA A 63 -14.91 -2.33 -3.21
CA ALA A 63 -16.31 -1.95 -3.00
C ALA A 63 -16.55 -0.50 -3.42
N TRP A 64 -15.62 0.40 -3.08
CA TRP A 64 -15.75 1.80 -3.48
C TRP A 64 -15.81 1.95 -4.99
N ARG A 65 -15.00 1.17 -5.72
CA ARG A 65 -15.01 1.25 -7.16
C ARG A 65 -16.35 0.80 -7.73
N VAL A 66 -16.91 -0.28 -7.20
CA VAL A 66 -18.22 -0.75 -7.65
C VAL A 66 -19.26 0.33 -7.44
N LEU A 67 -19.28 0.94 -6.25
CA LEU A 67 -20.29 1.94 -5.93
C LEU A 67 -20.07 3.22 -6.73
N SER A 68 -18.82 3.64 -6.89
CA SER A 68 -18.52 4.84 -7.69
C SER A 68 -18.97 4.65 -9.14
N SER A 69 -18.78 3.45 -9.68
CA SER A 69 -19.21 3.17 -11.04
C SER A 69 -20.74 3.28 -11.17
N ILE A 70 -21.47 2.71 -10.21
CA ILE A 70 -22.92 2.84 -10.21
C ILE A 70 -23.33 4.30 -10.11
N GLU A 71 -22.68 5.04 -9.21
CA GLU A 71 -22.99 6.45 -9.03
C GLU A 71 -22.77 7.24 -10.30
N GLN A 72 -21.67 6.96 -11.00
CA GLN A 72 -21.38 7.70 -12.24
C GLN A 72 -22.42 7.40 -13.30
N LYS A 73 -22.84 6.13 -13.43
CA LYS A 73 -23.87 5.79 -14.40
C LYS A 73 -25.21 6.43 -14.06
N SER A 74 -25.50 6.60 -12.77
CA SER A 74 -26.74 7.27 -12.37
C SER A 74 -26.74 8.76 -12.74
N ASN A 75 -25.56 9.35 -12.94
CA ASN A 75 -25.43 10.76 -13.27
C ASN A 75 -25.31 11.01 -14.77
N GLU A 76 -25.47 9.99 -15.60
CA GLU A 76 -25.42 10.15 -17.05
C GLU A 76 -26.78 10.64 -17.57
N GLU A 77 -26.81 10.97 -18.86
CA GLU A 77 -28.04 11.46 -19.47
C GLU A 77 -29.02 10.31 -19.67
N GLY A 78 -30.31 10.60 -19.44
CA GLY A 78 -31.34 9.60 -19.58
C GLY A 78 -31.48 8.65 -18.40
N SER A 79 -30.71 8.85 -17.34
CA SER A 79 -30.76 7.97 -16.17
C SER A 79 -31.88 8.41 -15.25
N GLU A 80 -32.68 7.44 -14.79
CA GLU A 80 -33.77 7.75 -13.89
C GLU A 80 -33.22 8.13 -12.52
N GLU A 81 -33.69 9.28 -12.01
CA GLU A 81 -33.29 9.70 -10.67
C GLU A 81 -33.73 8.65 -9.66
N LYS A 82 -32.80 8.22 -8.81
CA LYS A 82 -33.12 7.22 -7.81
C LYS A 82 -32.79 7.66 -6.39
N GLY A 83 -32.59 8.96 -6.18
CA GLY A 83 -32.42 9.49 -4.85
C GLY A 83 -30.98 9.52 -4.39
N PRO A 84 -30.78 9.83 -3.11
CA PRO A 84 -29.43 10.02 -2.58
C PRO A 84 -28.74 8.74 -2.15
N GLU A 85 -29.40 7.57 -2.28
CA GLU A 85 -28.90 6.36 -1.64
C GLU A 85 -27.55 5.91 -2.16
N VAL A 86 -27.33 5.99 -3.48
CA VAL A 86 -26.05 5.51 -4.03
C VAL A 86 -24.91 6.38 -3.53
N ARG A 87 -25.08 7.71 -3.60
CA ARG A 87 -24.06 8.61 -3.06
C ARG A 87 -23.85 8.38 -1.57
N GLU A 88 -24.94 8.23 -0.81
CA GLU A 88 -24.81 8.01 0.63
C GLU A 88 -23.99 6.77 0.92
N TYR A 89 -24.29 5.68 0.22
CA TYR A 89 -23.59 4.44 0.53
C TYR A 89 -22.16 4.46 0.04
N ARG A 90 -21.90 5.06 -1.12
CA ARG A 90 -20.53 5.27 -1.55
C ARG A 90 -19.76 6.10 -0.53
N GLU A 91 -20.40 7.14 0.02
N GLU A 91 -20.40 7.14 0.02
CA GLU A 91 -19.77 7.97 1.03
CA GLU A 91 -19.76 7.96 1.03
C GLU A 91 -19.50 7.17 2.30
C GLU A 91 -19.48 7.16 2.31
N LYS A 92 -20.41 6.27 2.67
CA LYS A 92 -20.19 5.44 3.85
C LYS A 92 -18.96 4.56 3.69
N VAL A 93 -18.86 3.85 2.56
CA VAL A 93 -17.68 3.04 2.31
C VAL A 93 -16.44 3.91 2.24
N GLU A 94 -16.54 5.06 1.58
CA GLU A 94 -15.40 5.95 1.45
C GLU A 94 -14.90 6.41 2.82
N THR A 95 -15.82 6.75 3.72
CA THR A 95 -15.43 7.22 5.04
C THR A 95 -14.75 6.13 5.83
N GLU A 96 -15.24 4.89 5.70
N GLU A 96 -15.26 4.90 5.74
CA GLU A 96 -14.62 3.76 6.40
CA GLU A 96 -14.61 3.78 6.41
C GLU A 96 -13.24 3.44 5.84
C GLU A 96 -13.21 3.57 5.85
N LEU A 97 -13.07 3.60 4.52
CA LEU A 97 -11.75 3.45 3.90
C LEU A 97 -10.80 4.53 4.39
N GLN A 98 -11.24 5.78 4.39
CA GLN A 98 -10.40 6.86 4.89
C GLN A 98 -9.99 6.62 6.34
N GLY A 99 -10.92 6.10 7.15
CA GLY A 99 -10.57 5.80 8.53
C GLY A 99 -9.48 4.77 8.66
N VAL A 100 -9.53 3.72 7.84
CA VAL A 100 -8.47 2.72 7.88
C VAL A 100 -7.14 3.32 7.44
N CYS A 101 -7.15 4.12 6.37
CA CYS A 101 -5.92 4.78 5.93
C CYS A 101 -5.35 5.66 7.03
N ASP A 102 -6.22 6.46 7.67
CA ASP A 102 -5.78 7.34 8.75
C ASP A 102 -5.21 6.53 9.90
N THR A 103 -5.80 5.38 10.19
CA THR A 103 -5.27 4.51 11.24
C THR A 103 -3.86 4.04 10.92
N VAL A 104 -3.64 3.56 9.69
CA VAL A 104 -2.32 3.07 9.31
C VAL A 104 -1.32 4.22 9.33
N LEU A 105 -1.67 5.35 8.73
CA LEU A 105 -0.78 6.50 8.73
C LEU A 105 -0.48 6.95 10.15
N GLY A 106 -1.46 6.85 11.05
CA GLY A 106 -1.22 7.18 12.44
C GLY A 106 -0.21 6.26 13.10
N LEU A 107 -0.29 4.96 12.81
CA LEU A 107 0.70 4.03 13.35
C LEU A 107 2.09 4.34 12.82
N LEU A 108 2.19 4.65 11.52
CA LEU A 108 3.48 4.99 10.95
C LEU A 108 4.06 6.26 11.58
N ASP A 109 3.21 7.24 11.85
CA ASP A 109 3.67 8.51 12.41
C ASP A 109 3.89 8.44 13.91
N SER A 110 3.31 7.46 14.60
CA SER A 110 3.37 7.36 16.06
C SER A 110 3.52 5.88 16.43
N HIS A 111 4.75 5.34 16.37
CA HIS A 111 5.98 6.07 16.07
C HIS A 111 6.91 5.20 15.23
N LEU A 112 6.34 4.42 14.31
CA LEU A 112 7.12 3.42 13.58
C LEU A 112 8.24 4.05 12.76
N ILE A 113 7.92 5.09 11.99
CA ILE A 113 8.92 5.64 11.07
C ILE A 113 10.08 6.26 11.84
N LYS A 114 9.79 7.04 12.89
CA LYS A 114 10.86 7.76 13.56
C LYS A 114 11.85 6.85 14.26
N GLU A 115 11.45 5.62 14.61
CA GLU A 115 12.38 4.69 15.23
C GLU A 115 13.03 3.73 14.22
N ALA A 116 12.65 3.80 12.95
CA ALA A 116 13.15 2.88 11.93
C ALA A 116 14.45 3.44 11.35
N GLY A 117 15.56 2.81 11.72
CA GLY A 117 16.87 3.26 11.28
C GLY A 117 17.48 2.42 10.19
N ASP A 118 17.20 1.13 10.16
CA ASP A 118 17.75 0.28 9.11
C ASP A 118 16.99 0.51 7.82
N ALA A 119 17.70 0.37 6.70
CA ALA A 119 17.06 0.61 5.40
C ALA A 119 15.83 -0.27 5.21
N GLU A 120 15.91 -1.55 5.59
CA GLU A 120 14.80 -2.47 5.33
C GLU A 120 13.53 -2.04 6.04
N SER A 121 13.66 -1.57 7.28
CA SER A 121 12.46 -1.13 8.00
C SER A 121 12.00 0.25 7.52
N ARG A 122 12.93 1.20 7.38
CA ARG A 122 12.55 2.56 7.04
C ARG A 122 11.93 2.65 5.65
N VAL A 123 12.54 1.99 4.66
CA VAL A 123 11.98 1.97 3.32
C VAL A 123 10.61 1.31 3.31
N PHE A 124 10.47 0.19 4.02
CA PHE A 124 9.17 -0.49 4.12
C PHE A 124 8.08 0.43 4.64
N TYR A 125 8.36 1.13 5.75
CA TYR A 125 7.34 2.00 6.34
C TYR A 125 7.03 3.21 5.45
N LEU A 126 8.06 3.78 4.82
CA LEU A 126 7.82 4.91 3.92
C LEU A 126 7.04 4.49 2.69
N LYS A 127 7.32 3.29 2.16
CA LYS A 127 6.48 2.73 1.10
C LYS A 127 5.02 2.64 1.56
N MET A 128 4.80 2.11 2.77
CA MET A 128 3.44 2.03 3.30
C MET A 128 2.79 3.41 3.39
N LYS A 129 3.57 4.41 3.84
CA LYS A 129 3.03 5.76 3.95
C LYS A 129 2.60 6.28 2.59
N GLY A 130 3.43 6.05 1.56
CA GLY A 130 3.03 6.42 0.21
C GLY A 130 1.80 5.67 -0.26
N ASP A 131 1.73 4.37 0.03
CA ASP A 131 0.59 3.56 -0.39
C ASP A 131 -0.71 4.09 0.21
N TYR A 132 -0.71 4.38 1.51
CA TYR A 132 -1.97 4.78 2.17
C TYR A 132 -2.37 6.20 1.82
N TYR A 133 -1.40 7.09 1.59
CA TYR A 133 -1.76 8.37 0.97
C TYR A 133 -2.29 8.17 -0.44
N ARG A 134 -1.74 7.20 -1.19
CA ARG A 134 -2.27 6.93 -2.52
C ARG A 134 -3.72 6.48 -2.47
N TYR A 135 -4.06 5.63 -1.50
CA TYR A 135 -5.46 5.21 -1.37
C TYR A 135 -6.35 6.39 -0.99
N LEU A 136 -5.87 7.28 -0.12
CA LEU A 136 -6.62 8.50 0.15
C LEU A 136 -6.79 9.32 -1.11
N ALA A 137 -5.75 9.38 -1.95
CA ALA A 137 -5.82 10.17 -3.17
C ALA A 137 -6.83 9.60 -4.16
N GLU A 138 -7.00 8.28 -4.17
CA GLU A 138 -7.94 7.66 -5.11
C GLU A 138 -9.36 8.16 -4.91
N VAL A 139 -9.72 8.54 -3.67
CA VAL A 139 -11.07 8.99 -3.34
C VAL A 139 -11.16 10.48 -3.09
N ALA A 140 -10.05 11.21 -3.17
CA ALA A 140 -10.04 12.61 -2.78
C ALA A 140 -10.60 13.49 -3.89
N THR A 141 -11.36 14.53 -3.49
CA THR A 141 -11.91 15.51 -4.42
C THR A 141 -11.86 16.94 -3.91
N GLY A 142 -11.37 17.19 -2.69
CA GLY A 142 -11.56 18.47 -2.03
C GLY A 142 -10.36 19.41 -2.15
N ASP A 143 -10.38 20.43 -1.28
CA ASP A 143 -9.32 21.44 -1.25
C ASP A 143 -7.95 20.82 -1.05
N ASP A 144 -7.87 19.71 -0.32
CA ASP A 144 -6.59 19.11 0.06
C ASP A 144 -6.13 18.00 -0.88
N LYS A 145 -6.81 17.81 -2.01
CA LYS A 145 -6.46 16.70 -2.89
C LYS A 145 -5.01 16.80 -3.37
N LYS A 146 -4.57 17.99 -3.77
CA LYS A 146 -3.19 18.13 -4.21
C LYS A 146 -2.22 17.84 -3.08
N ARG A 147 -2.56 18.22 -1.85
CA ARG A 147 -1.67 17.96 -0.74
C ARG A 147 -1.63 16.47 -0.40
N ILE A 148 -2.74 15.77 -0.56
CA ILE A 148 -2.74 14.32 -0.35
C ILE A 148 -1.84 13.63 -1.37
N ILE A 149 -1.96 14.04 -2.64
CA ILE A 149 -1.10 13.50 -3.69
C ILE A 149 0.36 13.80 -3.40
N ASP A 150 0.66 15.03 -2.97
CA ASP A 150 2.05 15.35 -2.71
C ASP A 150 2.58 14.60 -1.48
N SER A 151 1.71 14.31 -0.51
CA SER A 151 2.13 13.50 0.63
C SER A 151 2.52 12.09 0.19
N ALA A 152 1.75 11.49 -0.72
CA ALA A 152 2.13 10.19 -1.25
C ALA A 152 3.47 10.28 -1.98
N ARG A 153 3.59 11.25 -2.88
CA ARG A 153 4.83 11.44 -3.65
C ARG A 153 6.02 11.61 -2.73
N SER A 154 5.90 12.47 -1.72
CA SER A 154 7.02 12.74 -0.82
C SER A 154 7.46 11.50 -0.07
N ALA A 155 6.51 10.68 0.41
CA ALA A 155 6.89 9.48 1.13
C ALA A 155 7.58 8.48 0.21
N TYR A 156 6.99 8.27 -0.98
CA TYR A 156 7.59 7.39 -1.97
C TYR A 156 8.99 7.88 -2.34
N GLN A 157 9.17 9.20 -2.48
CA GLN A 157 10.46 9.71 -2.92
C GLN A 157 11.53 9.50 -1.86
N GLU A 158 11.19 9.73 -0.59
CA GLU A 158 12.18 9.47 0.45
C GLU A 158 12.53 7.99 0.51
N ALA A 159 11.54 7.12 0.34
CA ALA A 159 11.81 5.69 0.31
C ALA A 159 12.71 5.33 -0.86
N MET A 160 12.44 5.91 -2.04
CA MET A 160 13.28 5.64 -3.21
C MET A 160 14.70 6.10 -2.97
N ASP A 161 14.88 7.29 -2.40
CA ASP A 161 16.23 7.80 -2.20
C ASP A 161 17.03 6.88 -1.29
N ILE A 162 16.41 6.42 -0.19
CA ILE A 162 17.09 5.51 0.73
C ILE A 162 17.36 4.18 0.05
N SER A 163 16.37 3.65 -0.66
CA SER A 163 16.51 2.32 -1.26
C SER A 163 17.63 2.30 -2.31
N LYS A 164 17.78 3.39 -3.07
CA LYS A 164 18.84 3.41 -4.08
C LYS A 164 20.21 3.50 -3.45
N LYS A 165 20.31 4.14 -2.28
CA LYS A 165 21.60 4.26 -1.62
C LYS A 165 21.97 3.02 -0.82
N GLU A 166 20.98 2.31 -0.27
CA GLU A 166 21.25 1.33 0.77
C GLU A 166 20.84 -0.10 0.42
N MET A 167 20.14 -0.33 -0.68
CA MET A 167 19.68 -1.66 -1.00
C MET A 167 20.13 -2.06 -2.40
N PRO A 168 20.40 -3.34 -2.65
CA PRO A 168 20.68 -3.78 -4.01
C PRO A 168 19.45 -3.64 -4.89
N PRO A 169 19.64 -3.55 -6.21
CA PRO A 169 18.50 -3.33 -7.11
C PRO A 169 17.51 -4.49 -7.14
N THR A 170 17.87 -5.66 -6.63
CA THR A 170 16.96 -6.81 -6.57
C THR A 170 16.23 -6.95 -5.25
N ASN A 171 16.51 -6.08 -4.27
CA ASN A 171 15.86 -6.21 -2.99
CA ASN A 171 15.86 -6.21 -2.99
C ASN A 171 14.35 -6.15 -3.17
N PRO A 172 13.59 -7.13 -2.65
CA PRO A 172 12.14 -7.13 -2.90
C PRO A 172 11.41 -5.90 -2.41
N ILE A 173 11.83 -5.30 -1.30
CA ILE A 173 11.20 -4.07 -0.84
C ILE A 173 11.45 -2.94 -1.83
N ARG A 174 12.71 -2.80 -2.26
CA ARG A 174 13.04 -1.81 -3.28
C ARG A 174 12.22 -2.02 -4.56
N LEU A 175 12.07 -3.28 -4.98
CA LEU A 175 11.31 -3.57 -6.19
C LEU A 175 9.82 -3.24 -6.00
N GLY A 176 9.25 -3.66 -4.86
CA GLY A 176 7.84 -3.39 -4.62
C GLY A 176 7.55 -1.90 -4.48
N LEU A 177 8.45 -1.18 -3.85
CA LEU A 177 8.34 0.28 -3.77
C LEU A 177 8.31 0.89 -5.16
N ALA A 178 9.24 0.47 -6.04
CA ALA A 178 9.28 1.03 -7.38
C ALA A 178 8.03 0.67 -8.17
N LEU A 179 7.56 -0.57 -8.04
CA LEU A 179 6.31 -0.98 -8.67
C LEU A 179 5.18 -0.04 -8.28
N ASN A 180 5.04 0.20 -6.98
CA ASN A 180 3.91 0.99 -6.49
C ASN A 180 4.05 2.47 -6.82
N PHE A 181 5.27 3.01 -6.74
CA PHE A 181 5.49 4.41 -7.08
C PHE A 181 5.23 4.63 -8.56
N SER A 182 5.60 3.65 -9.39
CA SER A 182 5.28 3.69 -10.81
C SER A 182 3.77 3.75 -11.02
N VAL A 183 3.01 2.91 -10.31
CA VAL A 183 1.55 2.96 -10.39
C VAL A 183 1.03 4.32 -9.90
N PHE A 184 1.59 4.85 -8.82
CA PHE A 184 1.26 6.21 -8.41
C PHE A 184 1.39 7.20 -9.57
N HIS A 185 2.53 7.15 -10.27
CA HIS A 185 2.71 8.07 -11.39
C HIS A 185 1.63 7.89 -12.45
N TYR A 186 1.30 6.64 -12.77
CA TYR A 186 0.37 6.37 -13.85
C TYR A 186 -1.06 6.70 -13.47
N GLU A 187 -1.50 6.28 -12.28
N GLU A 187 -1.51 6.23 -12.29
CA GLU A 187 -2.91 6.33 -11.93
CA GLU A 187 -2.91 6.32 -11.90
C GLU A 187 -3.30 7.53 -11.08
C GLU A 187 -3.25 7.65 -11.24
N ILE A 188 -2.35 8.18 -10.41
CA ILE A 188 -2.63 9.29 -9.52
C ILE A 188 -2.09 10.61 -10.05
N ALA A 189 -0.83 10.62 -10.48
CA ALA A 189 -0.15 11.85 -10.83
C ALA A 189 -0.25 12.21 -12.31
N ASN A 190 -1.01 11.44 -13.09
CA ASN A 190 -1.19 11.74 -14.51
C ASN A 190 0.15 11.82 -15.23
N SER A 191 1.07 10.92 -14.88
CA SER A 191 2.43 10.92 -15.41
C SER A 191 2.76 9.54 -15.96
N PRO A 192 2.08 9.10 -17.03
CA PRO A 192 2.35 7.76 -17.56
C PRO A 192 3.78 7.58 -18.05
N GLU A 193 4.39 8.61 -18.62
CA GLU A 193 5.78 8.46 -19.07
C GLU A 193 6.72 8.19 -17.91
N GLU A 194 6.53 8.89 -16.79
CA GLU A 194 7.36 8.64 -15.62
C GLU A 194 7.11 7.24 -15.07
N ALA A 195 5.85 6.80 -15.08
CA ALA A 195 5.50 5.45 -14.62
C ALA A 195 6.24 4.40 -15.44
N ILE A 196 6.21 4.56 -16.77
CA ILE A 196 6.83 3.59 -17.66
C ILE A 196 8.35 3.62 -17.51
N SER A 197 8.94 4.82 -17.47
CA SER A 197 10.38 4.94 -17.30
C SER A 197 10.83 4.28 -16.00
N LEU A 198 10.11 4.54 -14.91
CA LEU A 198 10.51 3.96 -13.63
C LEU A 198 10.41 2.44 -13.66
N ALA A 199 9.32 1.90 -14.18
CA ALA A 199 9.18 0.44 -14.25
C ALA A 199 10.28 -0.19 -15.10
N LYS A 200 10.61 0.42 -16.23
CA LYS A 200 11.61 -0.17 -17.11
C LYS A 200 12.99 -0.12 -16.49
N THR A 201 13.40 1.04 -15.99
CA THR A 201 14.71 1.16 -15.35
C THR A 201 14.83 0.24 -14.16
N THR A 202 13.77 0.12 -13.36
CA THR A 202 13.82 -0.78 -12.20
C THR A 202 13.99 -2.22 -12.66
N PHE A 203 13.24 -2.63 -13.69
CA PHE A 203 13.34 -3.99 -14.20
C PHE A 203 14.74 -4.28 -14.71
N ASP A 204 15.30 -3.37 -15.50
CA ASP A 204 16.58 -3.62 -16.13
C ASP A 204 17.71 -3.65 -15.10
N GLU A 205 17.65 -2.79 -14.10
CA GLU A 205 18.70 -2.80 -13.08
C GLU A 205 18.60 -4.03 -12.19
N ALA A 206 17.39 -4.51 -11.93
CA ALA A 206 17.25 -5.77 -11.20
C ALA A 206 17.78 -6.94 -12.03
N MET A 207 17.46 -6.97 -13.32
N MET A 207 17.43 -6.97 -13.32
CA MET A 207 17.91 -8.06 -14.18
CA MET A 207 17.91 -8.01 -14.23
C MET A 207 19.42 -8.20 -14.12
C MET A 207 19.42 -8.20 -14.09
N ALA A 208 20.14 -7.09 -14.15
CA ALA A 208 21.60 -7.11 -14.15
C ALA A 208 22.19 -7.56 -12.82
N ASP A 209 21.38 -7.61 -11.75
CA ASP A 209 21.87 -7.97 -10.42
C ASP A 209 21.44 -9.39 -10.02
N LEU A 210 20.61 -10.05 -10.83
CA LEU A 210 20.12 -11.38 -10.47
C LEU A 210 21.26 -12.37 -10.29
N HIS A 211 22.38 -12.19 -11.01
CA HIS A 211 23.47 -13.15 -11.00
C HIS A 211 24.09 -13.28 -9.62
N THR A 212 23.87 -12.30 -8.74
CA THR A 212 24.47 -12.33 -7.40
C THR A 212 23.66 -13.13 -6.40
N LEU A 213 22.47 -13.60 -6.78
CA LEU A 213 21.48 -14.11 -5.83
C LEU A 213 21.48 -15.63 -5.74
N SER A 214 21.11 -16.12 -4.57
CA SER A 214 20.79 -17.52 -4.39
C SER A 214 19.49 -17.86 -5.12
N GLU A 215 19.20 -19.15 -5.20
CA GLU A 215 17.97 -19.60 -5.86
C GLU A 215 16.74 -19.00 -5.19
N ASP A 216 16.72 -18.97 -3.85
CA ASP A 216 15.53 -18.49 -3.16
C ASP A 216 15.35 -16.98 -3.33
N SER A 217 16.44 -16.21 -3.27
CA SER A 217 16.34 -14.77 -3.48
C SER A 217 15.95 -14.46 -4.91
N TYR A 218 16.50 -15.23 -5.86
CA TYR A 218 16.12 -15.08 -7.26
C TYR A 218 14.62 -15.24 -7.44
N LYS A 219 14.02 -16.24 -6.78
CA LYS A 219 12.58 -16.44 -6.90
C LYS A 219 11.81 -15.22 -6.41
N ASP A 220 12.20 -14.68 -5.25
CA ASP A 220 11.51 -13.51 -4.71
C ASP A 220 11.62 -12.32 -5.64
N SER A 221 12.83 -12.06 -6.15
CA SER A 221 13.02 -10.87 -6.96
C SER A 221 12.33 -10.98 -8.31
N THR A 222 12.44 -12.16 -8.97
CA THR A 222 11.85 -12.30 -10.29
C THR A 222 10.32 -12.23 -10.22
N LEU A 223 9.73 -12.64 -9.10
CA LEU A 223 8.27 -12.52 -8.97
C LEU A 223 7.84 -11.08 -9.10
N ILE A 224 8.52 -10.17 -8.41
CA ILE A 224 8.16 -8.75 -8.48
C ILE A 224 8.55 -8.16 -9.82
N MET A 225 9.67 -8.61 -10.39
CA MET A 225 10.04 -8.15 -11.72
C MET A 225 8.96 -8.48 -12.73
N GLN A 226 8.31 -9.65 -12.59
CA GLN A 226 7.24 -9.99 -13.52
C GLN A 226 6.06 -9.04 -13.40
N LEU A 227 5.78 -8.55 -12.18
CA LEU A 227 4.72 -7.55 -12.02
C LEU A 227 5.08 -6.25 -12.72
N LEU A 228 6.35 -5.84 -12.66
CA LEU A 228 6.78 -4.66 -13.41
C LEU A 228 6.56 -4.86 -14.90
N ARG A 229 6.91 -6.05 -15.41
CA ARG A 229 6.71 -6.34 -16.83
C ARG A 229 5.23 -6.38 -17.17
N ASP A 230 4.41 -6.93 -16.27
CA ASP A 230 2.97 -6.97 -16.51
C ASP A 230 2.42 -5.55 -16.66
N ASN A 231 2.83 -4.64 -15.79
CA ASN A 231 2.36 -3.26 -15.91
C ASN A 231 2.88 -2.63 -17.19
N LEU A 232 4.14 -2.86 -17.53
CA LEU A 232 4.67 -2.29 -18.77
C LEU A 232 3.89 -2.79 -19.98
N THR A 233 3.53 -4.07 -19.98
CA THR A 233 2.72 -4.62 -21.07
C THR A 233 1.33 -3.98 -21.09
N LEU A 234 0.76 -3.72 -19.91
CA LEU A 234 -0.54 -3.05 -19.84
C LEU A 234 -0.47 -1.64 -20.39
N TRP A 235 0.68 -0.96 -20.24
CA TRP A 235 0.79 0.45 -20.51
C TRP A 235 1.38 0.78 -21.87
N THR A 236 1.87 -0.22 -22.61
CA THR A 236 2.56 0.04 -23.87
C THR A 236 1.99 -0.86 -24.96
N PHE B 4 -6.93 -3.08 -13.47
CA PHE B 4 -6.02 -2.28 -12.64
C PHE B 4 -4.61 -2.82 -12.69
N PRO B 5 -3.61 -1.94 -12.56
CA PRO B 5 -2.21 -2.40 -12.58
C PRO B 5 -1.82 -3.06 -11.27
N ALA B 6 -0.72 -3.80 -11.33
CA ALA B 6 -0.26 -4.57 -10.18
C ALA B 6 0.48 -3.69 -9.17
N VAL B 8 2.07 -4.22 -4.85
CA VAL B 8 2.33 -5.18 -3.78
C VAL B 8 2.38 -4.53 -2.42
#